data_3KVB
#
_entry.id   3KVB
#
_cell.length_a   78.3
_cell.length_b   78.3
_cell.length_c   289.1
_cell.angle_alpha   90.00
_cell.angle_beta   90.00
_cell.angle_gamma   120.00
#
_symmetry.space_group_name_H-M   'P 61 2 2'
#
loop_
_entity.id
_entity.type
_entity.pdbx_description
1 polymer 'JmjC domain-containing histone demethylation protein 1D'
2 non-polymer 'NICKEL (II) ION'
3 non-polymer 'OXYGEN MOLECULE'
4 non-polymer N-OXALYLGLYCINE
5 water water
#
_entity_poly.entity_id   1
_entity_poly.type   'polypeptide(L)'
_entity_poly.pdbx_seq_one_letter_code
;SLMKKRRNWHRHDYTEIDDGSKPVQAGTRTFIKELRSRVFPSADEIIIKMHGSQLTQRYLEKHGFDVPIMVPKLDDLGLR
LPSPTFSVMDVERYVGGDKVIDVIDVARQADSKMTLHNYVKYFMNPNRPKVLNVISLEFSDTKMSELVEVPDIAKKLSWV
ENYWPDDSVFPKPFVQKYCLMGVQDSYTDFHIDFGGTSVWYHVLWGEKIFYLIKPTDENLARYESWSSSVTQSEVFFGDK
VDKCYKCVVKQGHTLFVPTGWIHAVLTSQDCMAFGGNFLHNLNIGMQLRCYEMEKRLKTPDLFKFPFFEAICWFVAKNLL
ETLKELREDGFQPQTYLVQGVKALHTALKLWMKKELVSEHAFEIPDNVRPGHLIKELSKVIRAIEEENGKPVKSQGI
;
_entity_poly.pdbx_strand_id   A
#
# COMPACT_ATOMS: atom_id res chain seq x y z
N PRO A 23 -5.28 -4.81 -30.91
CA PRO A 23 -5.25 -4.09 -29.62
C PRO A 23 -6.19 -4.68 -28.57
N VAL A 24 -5.63 -5.53 -27.70
CA VAL A 24 -6.40 -6.13 -26.63
C VAL A 24 -6.26 -5.18 -25.44
N GLN A 25 -7.36 -4.57 -25.03
CA GLN A 25 -7.31 -3.61 -23.93
C GLN A 25 -7.63 -4.19 -22.56
N ALA A 26 -6.91 -3.68 -21.57
CA ALA A 26 -7.05 -4.12 -20.19
C ALA A 26 -8.49 -4.11 -19.67
N GLY A 27 -8.84 -5.17 -18.93
CA GLY A 27 -10.15 -5.26 -18.35
C GLY A 27 -11.19 -5.99 -19.17
N THR A 28 -11.04 -5.99 -20.49
CA THR A 28 -12.00 -6.62 -21.38
C THR A 28 -12.08 -8.14 -21.25
N ARG A 29 -13.12 -8.72 -21.83
CA ARG A 29 -13.37 -10.15 -21.81
C ARG A 29 -12.22 -10.90 -22.51
N THR A 30 -11.70 -10.29 -23.57
CA THR A 30 -10.60 -10.87 -24.33
C THR A 30 -9.34 -10.86 -23.48
N PHE A 31 -9.12 -9.72 -22.82
CA PHE A 31 -7.97 -9.57 -21.95
C PHE A 31 -8.00 -10.60 -20.82
N ILE A 32 -9.18 -10.86 -20.27
CA ILE A 32 -9.28 -11.82 -19.18
C ILE A 32 -9.06 -13.27 -19.63
N LYS A 33 -9.46 -13.61 -20.85
CA LYS A 33 -9.26 -14.96 -21.37
C LYS A 33 -7.77 -15.28 -21.39
N GLU A 34 -6.97 -14.34 -21.90
CA GLU A 34 -5.54 -14.53 -21.97
C GLU A 34 -4.94 -14.62 -20.57
N LEU A 35 -5.23 -13.62 -19.74
CA LEU A 35 -4.74 -13.58 -18.37
C LEU A 35 -4.99 -14.90 -17.64
N ARG A 36 -6.20 -15.43 -17.77
CA ARG A 36 -6.58 -16.68 -17.12
C ARG A 36 -5.89 -17.93 -17.65
N SER A 37 -5.29 -17.83 -18.83
CA SER A 37 -4.63 -18.98 -19.43
C SER A 37 -3.13 -18.78 -19.68
N ARG A 38 -2.57 -17.69 -19.15
N ARG A 38 -2.58 -17.71 -19.12
CA ARG A 38 -1.15 -17.44 -19.35
CA ARG A 38 -1.17 -17.39 -19.27
C ARG A 38 -0.30 -18.24 -18.38
C ARG A 38 -0.30 -18.23 -18.35
N VAL A 39 0.99 -18.29 -18.66
CA VAL A 39 1.94 -19.03 -17.84
C VAL A 39 2.73 -18.06 -16.97
N PHE A 40 2.55 -18.19 -15.65
CA PHE A 40 3.23 -17.32 -14.71
C PHE A 40 4.04 -18.10 -13.70
N PRO A 41 5.26 -17.64 -13.41
CA PRO A 41 6.01 -18.39 -12.41
C PRO A 41 5.22 -18.27 -11.10
N SER A 42 5.19 -19.34 -10.31
CA SER A 42 4.45 -19.31 -9.05
C SER A 42 5.03 -18.30 -8.07
N ALA A 43 4.15 -17.66 -7.32
CA ALA A 43 4.60 -16.69 -6.33
C ALA A 43 5.41 -17.45 -5.28
N ASP A 44 5.22 -18.77 -5.22
CA ASP A 44 5.94 -19.62 -4.27
C ASP A 44 7.45 -19.51 -4.40
N GLU A 45 7.92 -18.89 -5.49
CA GLU A 45 9.34 -18.75 -5.71
C GLU A 45 9.97 -17.63 -4.91
N ILE A 46 9.16 -16.64 -4.51
CA ILE A 46 9.70 -15.51 -3.76
C ILE A 46 9.06 -15.23 -2.41
N ILE A 47 7.79 -15.60 -2.24
CA ILE A 47 7.13 -15.32 -0.98
C ILE A 47 7.46 -16.31 0.13
N ILE A 48 7.35 -15.80 1.35
CA ILE A 48 7.61 -16.56 2.54
C ILE A 48 6.27 -16.80 3.23
N LYS A 49 5.95 -18.06 3.49
CA LYS A 49 4.71 -18.39 4.19
C LYS A 49 5.08 -18.59 5.64
N MET A 50 4.27 -18.08 6.55
CA MET A 50 4.53 -18.28 7.96
C MET A 50 3.26 -18.23 8.79
N HIS A 51 3.40 -18.47 10.08
CA HIS A 51 2.26 -18.46 10.98
C HIS A 51 2.17 -17.07 11.57
N GLY A 52 0.96 -16.66 11.93
CA GLY A 52 0.78 -15.35 12.51
C GLY A 52 1.76 -14.98 13.61
N SER A 53 2.08 -15.95 14.46
CA SER A 53 2.99 -15.74 15.59
C SER A 53 4.45 -15.47 15.23
N GLN A 54 4.88 -15.97 14.07
CA GLN A 54 6.26 -15.77 13.65
C GLN A 54 6.48 -14.39 13.07
N LEU A 55 5.42 -13.82 12.49
CA LEU A 55 5.50 -12.49 11.88
C LEU A 55 5.59 -11.39 12.94
N THR A 56 6.82 -11.02 13.29
CA THR A 56 7.03 -10.01 14.30
C THR A 56 7.95 -8.88 13.84
N GLN A 57 7.88 -7.75 14.52
CA GLN A 57 8.70 -6.61 14.20
C GLN A 57 10.16 -7.07 14.28
N ARG A 58 10.46 -7.85 15.30
CA ARG A 58 11.80 -8.38 15.51
C ARG A 58 12.25 -9.18 14.28
N TYR A 59 11.42 -10.14 13.87
CA TYR A 59 11.73 -10.98 12.72
C TYR A 59 12.03 -10.15 11.46
N LEU A 60 11.17 -9.17 11.20
CA LEU A 60 11.32 -8.32 10.03
C LEU A 60 12.54 -7.43 10.07
N GLU A 61 12.98 -7.06 11.27
CA GLU A 61 14.15 -6.21 11.38
C GLU A 61 15.41 -7.03 11.11
N LYS A 62 15.29 -8.34 11.24
CA LYS A 62 16.42 -9.23 11.02
C LYS A 62 16.50 -9.65 9.57
N HIS A 63 15.43 -10.26 9.05
CA HIS A 63 15.41 -10.72 7.66
C HIS A 63 14.88 -9.68 6.68
N GLY A 64 14.40 -8.56 7.21
CA GLY A 64 13.85 -7.52 6.35
C GLY A 64 12.48 -7.90 5.82
N PHE A 65 11.85 -6.93 5.14
CA PHE A 65 10.53 -7.12 4.55
C PHE A 65 10.71 -6.73 3.08
N ASP A 66 11.35 -7.62 2.31
CA ASP A 66 11.63 -7.37 0.89
C ASP A 66 10.76 -8.15 -0.09
N VAL A 67 10.03 -9.14 0.42
CA VAL A 67 9.17 -9.96 -0.44
C VAL A 67 7.82 -10.15 0.27
N PRO A 68 6.79 -10.57 -0.48
CA PRO A 68 5.47 -10.77 0.13
C PRO A 68 5.49 -11.91 1.15
N ILE A 69 4.62 -11.80 2.14
CA ILE A 69 4.51 -12.81 3.17
C ILE A 69 3.09 -13.33 3.18
N MET A 70 2.94 -14.64 3.09
CA MET A 70 1.63 -15.26 3.11
C MET A 70 1.38 -15.91 4.46
N VAL A 71 0.25 -15.61 5.08
CA VAL A 71 -0.10 -16.20 6.36
C VAL A 71 -1.42 -16.90 6.09
N PRO A 72 -1.38 -18.20 5.75
CA PRO A 72 -2.55 -19.03 5.44
C PRO A 72 -3.67 -19.02 6.47
N LYS A 73 -3.32 -19.07 7.75
CA LYS A 73 -4.31 -19.05 8.82
C LYS A 73 -4.24 -17.71 9.57
N LEU A 74 -5.40 -17.14 9.90
CA LEU A 74 -5.42 -15.86 10.59
C LEU A 74 -5.03 -15.97 12.06
N ASP A 75 -4.51 -17.13 12.43
CA ASP A 75 -4.09 -17.41 13.80
C ASP A 75 -2.92 -16.58 14.30
N ASP A 76 -3.15 -15.86 15.40
CA ASP A 76 -2.11 -15.04 16.02
C ASP A 76 -1.72 -13.75 15.30
N LEU A 77 -2.58 -13.28 14.40
CA LEU A 77 -2.28 -12.05 13.68
C LEU A 77 -2.83 -10.86 14.45
N GLY A 78 -3.85 -11.09 15.25
CA GLY A 78 -4.48 -10.03 15.99
C GLY A 78 -5.55 -9.46 15.10
N LEU A 79 -5.74 -10.14 13.97
CA LEU A 79 -6.71 -9.77 12.97
C LEU A 79 -8.09 -10.29 13.35
N ARG A 80 -9.04 -9.38 13.55
CA ARG A 80 -10.39 -9.72 13.93
C ARG A 80 -11.36 -9.17 12.87
N LEU A 81 -12.36 -9.96 12.49
CA LEU A 81 -13.34 -9.54 11.48
C LEU A 81 -14.56 -10.44 11.36
N PRO A 82 -15.67 -9.92 10.80
CA PRO A 82 -16.90 -10.71 10.64
C PRO A 82 -16.68 -12.07 9.99
N SER A 83 -17.56 -13.02 10.33
CA SER A 83 -17.46 -14.38 9.81
C SER A 83 -17.61 -14.43 8.29
N PRO A 84 -17.13 -15.53 7.68
CA PRO A 84 -17.19 -15.73 6.23
C PRO A 84 -18.58 -15.56 5.62
N THR A 85 -19.57 -15.28 6.45
CA THR A 85 -20.92 -15.10 5.96
C THR A 85 -21.36 -13.64 5.92
N PHE A 86 -20.46 -12.74 6.30
CA PHE A 86 -20.77 -11.32 6.26
C PHE A 86 -20.98 -11.02 4.77
N SER A 87 -22.19 -10.61 4.42
CA SER A 87 -22.52 -10.35 3.02
C SER A 87 -22.38 -8.89 2.63
N VAL A 88 -22.44 -8.64 1.33
CA VAL A 88 -22.34 -7.30 0.78
C VAL A 88 -23.53 -6.50 1.31
N MET A 89 -24.58 -7.23 1.68
CA MET A 89 -25.80 -6.64 2.21
C MET A 89 -25.54 -6.06 3.60
N ASP A 90 -24.83 -6.84 4.42
CA ASP A 90 -24.49 -6.41 5.77
C ASP A 90 -23.63 -5.16 5.73
N VAL A 91 -22.84 -5.02 4.68
CA VAL A 91 -21.99 -3.85 4.53
C VAL A 91 -22.84 -2.61 4.27
N GLU A 92 -23.95 -2.79 3.55
CA GLU A 92 -24.83 -1.66 3.24
C GLU A 92 -25.42 -1.14 4.53
N ARG A 93 -25.78 -2.07 5.43
CA ARG A 93 -26.33 -1.70 6.72
C ARG A 93 -25.29 -0.89 7.52
N TYR A 94 -24.23 -1.58 7.93
CA TYR A 94 -23.15 -0.99 8.73
C TYR A 94 -22.46 0.27 8.20
N VAL A 95 -22.54 0.50 6.89
CA VAL A 95 -21.90 1.68 6.31
C VAL A 95 -22.90 2.74 5.85
N GLY A 96 -24.09 2.29 5.47
CA GLY A 96 -25.10 3.22 5.01
C GLY A 96 -25.13 3.30 3.50
N GLY A 97 -26.13 2.67 2.91
CA GLY A 97 -26.27 2.66 1.46
C GLY A 97 -26.21 4.00 0.77
N ASP A 98 -26.17 5.07 1.55
CA ASP A 98 -26.13 6.43 1.00
C ASP A 98 -24.74 6.88 0.60
N LYS A 99 -23.73 6.36 1.30
CA LYS A 99 -22.35 6.73 1.02
C LYS A 99 -22.02 6.61 -0.47
N VAL A 100 -21.44 7.67 -1.03
CA VAL A 100 -21.03 7.63 -2.44
C VAL A 100 -19.64 7.02 -2.46
N ILE A 101 -19.53 5.87 -3.13
CA ILE A 101 -18.27 5.15 -3.22
C ILE A 101 -17.75 5.14 -4.66
N ASP A 102 -16.43 5.00 -4.80
CA ASP A 102 -15.80 4.94 -6.11
C ASP A 102 -15.89 3.52 -6.65
N VAL A 103 -16.47 3.39 -7.83
CA VAL A 103 -16.61 2.08 -8.46
C VAL A 103 -15.82 2.07 -9.76
N ILE A 104 -15.15 0.96 -10.04
CA ILE A 104 -14.38 0.86 -11.28
C ILE A 104 -15.15 0.10 -12.35
N ASP A 105 -15.10 0.65 -13.56
CA ASP A 105 -15.74 0.03 -14.71
C ASP A 105 -14.58 -0.70 -15.38
N VAL A 106 -14.36 -1.94 -14.93
CA VAL A 106 -13.27 -2.78 -15.41
C VAL A 106 -13.02 -2.82 -16.93
N ALA A 107 -14.05 -3.17 -17.70
CA ALA A 107 -13.90 -3.23 -19.15
C ALA A 107 -13.41 -1.91 -19.79
N ARG A 108 -13.70 -0.79 -19.13
CA ARG A 108 -13.27 0.52 -19.62
C ARG A 108 -12.08 1.05 -18.86
N GLN A 109 -11.82 0.47 -17.70
CA GLN A 109 -10.71 0.91 -16.85
C GLN A 109 -10.85 2.40 -16.59
N ALA A 110 -12.00 2.77 -16.00
CA ALA A 110 -12.33 4.15 -15.69
C ALA A 110 -13.09 4.25 -14.37
N ASP A 111 -12.89 5.35 -13.66
CA ASP A 111 -13.57 5.55 -12.38
C ASP A 111 -14.99 6.04 -12.56
N SER A 112 -15.86 5.59 -11.65
CA SER A 112 -17.26 5.97 -11.66
C SER A 112 -17.61 6.27 -10.21
N LYS A 113 -18.86 6.65 -9.99
CA LYS A 113 -19.35 6.96 -8.65
C LYS A 113 -20.75 6.37 -8.51
N MET A 114 -20.99 5.69 -7.40
CA MET A 114 -22.27 5.07 -7.13
C MET A 114 -22.58 5.19 -5.65
N THR A 115 -23.81 4.85 -5.29
CA THR A 115 -24.19 4.89 -3.89
C THR A 115 -23.91 3.47 -3.47
N LEU A 116 -23.54 3.28 -2.21
CA LEU A 116 -23.25 1.95 -1.72
C LEU A 116 -24.49 1.08 -1.94
N HIS A 117 -25.66 1.72 -1.92
CA HIS A 117 -26.94 1.04 -2.12
C HIS A 117 -27.10 0.48 -3.53
N ASN A 118 -26.70 1.27 -4.51
CA ASN A 118 -26.80 0.86 -5.91
C ASN A 118 -25.85 -0.28 -6.25
N TYR A 119 -24.65 -0.26 -5.68
CA TYR A 119 -23.67 -1.29 -5.95
C TYR A 119 -24.15 -2.64 -5.46
N VAL A 120 -24.70 -2.64 -4.25
CA VAL A 120 -25.20 -3.87 -3.66
C VAL A 120 -26.38 -4.38 -4.48
N LYS A 121 -27.17 -3.45 -5.00
CA LYS A 121 -28.31 -3.83 -5.82
C LYS A 121 -27.76 -4.51 -7.06
N TYR A 122 -26.73 -3.90 -7.63
CA TYR A 122 -26.04 -4.40 -8.81
C TYR A 122 -25.32 -5.72 -8.54
N PHE A 123 -24.70 -5.82 -7.37
CA PHE A 123 -23.94 -7.01 -6.99
C PHE A 123 -24.80 -8.25 -6.85
N MET A 124 -25.89 -8.13 -6.08
CA MET A 124 -26.79 -9.26 -5.86
C MET A 124 -27.76 -9.54 -7.01
N ASN A 125 -27.67 -8.74 -8.06
CA ASN A 125 -28.52 -8.96 -9.22
C ASN A 125 -27.84 -10.01 -10.09
N PRO A 126 -28.50 -11.15 -10.33
CA PRO A 126 -27.94 -12.24 -11.15
C PRO A 126 -27.45 -11.79 -12.53
N ASN A 127 -28.25 -10.98 -13.21
CA ASN A 127 -27.89 -10.50 -14.54
C ASN A 127 -26.99 -9.26 -14.44
N ARG A 128 -25.68 -9.49 -14.42
CA ARG A 128 -24.71 -8.39 -14.36
C ARG A 128 -24.32 -7.90 -15.74
N PRO A 129 -24.80 -6.72 -16.11
CA PRO A 129 -24.52 -6.09 -17.41
C PRO A 129 -23.06 -5.68 -17.61
N LYS A 130 -22.43 -5.24 -16.53
CA LYS A 130 -21.05 -4.79 -16.57
C LYS A 130 -20.27 -5.31 -15.38
N VAL A 131 -18.97 -5.47 -15.55
CA VAL A 131 -18.11 -5.92 -14.47
C VAL A 131 -17.70 -4.65 -13.74
N LEU A 132 -18.12 -4.53 -12.48
CA LEU A 132 -17.81 -3.35 -11.68
C LEU A 132 -17.11 -3.75 -10.39
N ASN A 133 -16.04 -3.02 -10.05
CA ASN A 133 -15.23 -3.32 -8.89
C ASN A 133 -15.10 -2.15 -7.90
N VAL A 134 -15.12 -2.47 -6.61
CA VAL A 134 -14.98 -1.47 -5.55
C VAL A 134 -13.68 -1.78 -4.80
N ILE A 135 -12.71 -0.88 -4.86
CA ILE A 135 -11.45 -1.11 -4.19
C ILE A 135 -10.99 -0.05 -3.19
N SER A 136 -11.73 1.07 -3.12
CA SER A 136 -11.33 2.15 -2.23
C SER A 136 -12.27 2.49 -1.08
N LEU A 137 -13.11 1.54 -0.66
CA LEU A 137 -14.04 1.82 0.42
C LEU A 137 -13.40 1.77 1.81
N GLU A 138 -12.95 2.93 2.29
CA GLU A 138 -12.35 3.06 3.61
C GLU A 138 -13.48 3.31 4.60
N PHE A 139 -13.65 2.41 5.56
CA PHE A 139 -14.75 2.50 6.53
C PHE A 139 -14.37 2.70 7.99
N SER A 140 -13.21 3.30 8.25
CA SER A 140 -12.81 3.50 9.63
C SER A 140 -13.72 4.54 10.30
N ASP A 141 -14.28 5.44 9.50
CA ASP A 141 -15.19 6.47 10.02
C ASP A 141 -16.64 6.04 9.90
N THR A 142 -16.90 4.74 10.00
CA THR A 142 -18.27 4.22 9.90
C THR A 142 -18.54 3.20 10.98
N LYS A 143 -19.80 2.83 11.13
CA LYS A 143 -20.24 1.86 12.14
C LYS A 143 -19.58 0.49 12.00
N MET A 144 -19.29 0.09 10.76
CA MET A 144 -18.67 -1.21 10.50
C MET A 144 -17.23 -1.28 10.97
N SER A 145 -16.67 -0.14 11.33
CA SER A 145 -15.29 -0.07 11.79
C SER A 145 -15.06 -0.93 13.03
N GLU A 146 -16.04 -0.93 13.93
CA GLU A 146 -15.98 -1.69 15.19
C GLU A 146 -15.90 -3.19 14.98
N LEU A 147 -16.26 -3.64 13.78
CA LEU A 147 -16.25 -5.07 13.49
C LEU A 147 -14.88 -5.55 13.04
N VAL A 148 -13.97 -4.61 12.76
CA VAL A 148 -12.64 -4.97 12.28
C VAL A 148 -11.44 -4.41 13.06
N GLU A 149 -10.52 -5.30 13.41
CA GLU A 149 -9.30 -4.92 14.10
C GLU A 149 -8.24 -5.43 13.11
N VAL A 150 -7.30 -4.56 12.75
CA VAL A 150 -6.26 -4.93 11.79
C VAL A 150 -5.09 -5.72 12.38
N PRO A 151 -4.34 -6.43 11.52
CA PRO A 151 -3.19 -7.21 11.98
C PRO A 151 -2.28 -6.40 12.88
N ASP A 152 -1.94 -6.97 14.03
CA ASP A 152 -1.08 -6.29 14.97
C ASP A 152 0.24 -5.84 14.37
N ILE A 153 0.80 -6.63 13.47
CA ILE A 153 2.08 -6.28 12.86
C ILE A 153 1.96 -5.00 12.03
N ALA A 154 0.81 -4.83 11.37
CA ALA A 154 0.58 -3.62 10.56
C ALA A 154 0.51 -2.43 11.51
N LYS A 155 -0.28 -2.57 12.56
CA LYS A 155 -0.43 -1.52 13.56
C LYS A 155 0.92 -1.23 14.24
N LYS A 156 1.74 -2.27 14.41
CA LYS A 156 3.04 -2.15 15.06
C LYS A 156 4.05 -1.38 14.22
N LEU A 157 4.09 -1.68 12.93
CA LEU A 157 5.04 -1.04 12.02
C LEU A 157 4.58 0.33 11.52
N SER A 158 3.27 0.52 11.46
CA SER A 158 2.66 1.76 10.98
C SER A 158 3.18 3.08 11.54
N TRP A 159 3.58 3.96 10.63
CA TRP A 159 4.08 5.30 10.96
C TRP A 159 3.00 6.16 11.63
N VAL A 160 1.77 6.04 11.14
CA VAL A 160 0.67 6.82 11.68
C VAL A 160 0.36 6.38 13.09
N GLU A 161 0.51 5.07 13.33
CA GLU A 161 0.26 4.47 14.63
C GLU A 161 1.30 4.85 15.66
N ASN A 162 2.51 5.10 15.22
CA ASN A 162 3.56 5.41 16.15
C ASN A 162 4.08 6.85 16.21
N TYR A 163 3.87 7.64 15.16
CA TYR A 163 4.41 8.98 15.18
C TYR A 163 3.46 10.13 14.90
N TRP A 164 2.18 9.85 14.71
CA TRP A 164 1.25 10.95 14.44
C TRP A 164 0.75 11.57 15.75
N PRO A 165 1.09 12.86 15.97
CA PRO A 165 0.72 13.63 17.15
C PRO A 165 -0.78 13.73 17.37
N ASP A 166 -1.15 13.97 18.62
CA ASP A 166 -2.56 14.12 18.93
C ASP A 166 -2.93 15.60 18.76
N ASP A 167 -1.98 16.41 18.32
CA ASP A 167 -2.22 17.84 18.17
C ASP A 167 -1.68 18.49 16.89
N SER A 168 -1.91 17.85 15.75
CA SER A 168 -1.47 18.42 14.48
C SER A 168 -2.65 19.11 13.85
N VAL A 169 -2.40 20.13 13.03
CA VAL A 169 -3.48 20.83 12.35
C VAL A 169 -3.93 19.91 11.22
N PHE A 170 -3.01 19.05 10.78
CA PHE A 170 -3.30 18.13 9.69
C PHE A 170 -4.26 17.03 10.16
N PRO A 171 -5.22 16.67 9.30
CA PRO A 171 -6.18 15.61 9.69
C PRO A 171 -5.49 14.24 9.60
N LYS A 172 -5.53 13.48 10.69
CA LYS A 172 -4.89 12.17 10.68
C LYS A 172 -5.36 11.32 9.50
N PRO A 173 -4.41 10.72 8.76
CA PRO A 173 -4.73 9.87 7.61
C PRO A 173 -5.40 8.55 8.01
N PHE A 174 -6.46 8.20 7.31
CA PHE A 174 -7.17 6.96 7.59
C PHE A 174 -7.19 6.09 6.35
N VAL A 175 -6.20 5.21 6.27
CA VAL A 175 -6.02 4.31 5.15
C VAL A 175 -5.69 2.92 5.70
N GLN A 176 -6.26 2.61 6.86
CA GLN A 176 -6.00 1.34 7.52
C GLN A 176 -7.09 0.28 7.38
N LYS A 177 -8.29 0.69 6.99
CA LYS A 177 -9.40 -0.25 6.84
C LYS A 177 -10.19 -0.04 5.57
N TYR A 178 -10.00 -0.93 4.60
CA TYR A 178 -10.73 -0.85 3.35
C TYR A 178 -11.52 -2.13 3.18
N CYS A 179 -12.72 -1.98 2.62
CA CYS A 179 -13.59 -3.12 2.35
C CYS A 179 -13.60 -3.26 0.85
N LEU A 180 -13.18 -4.42 0.36
CA LEU A 180 -13.14 -4.65 -1.07
C LEU A 180 -14.20 -5.62 -1.54
N MET A 181 -14.94 -5.22 -2.57
CA MET A 181 -15.98 -6.07 -3.14
C MET A 181 -15.81 -6.04 -4.65
N GLY A 182 -15.82 -7.22 -5.26
CA GLY A 182 -15.68 -7.30 -6.70
C GLY A 182 -16.36 -8.50 -7.31
N VAL A 183 -16.84 -8.34 -8.54
CA VAL A 183 -17.49 -9.44 -9.23
C VAL A 183 -16.40 -10.19 -10.01
N GLN A 184 -16.62 -11.47 -10.23
CA GLN A 184 -15.66 -12.28 -10.97
C GLN A 184 -15.26 -11.57 -12.26
N ASP A 185 -13.97 -11.57 -12.54
CA ASP A 185 -13.39 -10.95 -13.72
C ASP A 185 -13.07 -9.48 -13.58
N SER A 186 -13.32 -8.90 -12.41
CA SER A 186 -12.96 -7.50 -12.26
C SER A 186 -11.45 -7.54 -12.17
N TYR A 187 -10.80 -6.53 -12.72
CA TYR A 187 -9.36 -6.53 -12.76
C TYR A 187 -8.78 -5.15 -12.47
N THR A 188 -7.68 -5.13 -11.74
CA THR A 188 -6.99 -3.89 -11.41
C THR A 188 -5.63 -3.99 -12.07
N ASP A 189 -5.29 -3.02 -12.91
CA ASP A 189 -4.00 -3.05 -13.59
C ASP A 189 -2.81 -2.78 -12.67
N PHE A 190 -1.61 -3.03 -13.20
CA PHE A 190 -0.36 -2.85 -12.47
C PHE A 190 -0.15 -1.46 -11.89
N HIS A 191 0.08 -1.40 -10.59
CA HIS A 191 0.32 -0.13 -9.92
C HIS A 191 1.16 -0.38 -8.68
N ILE A 192 1.54 0.72 -8.03
CA ILE A 192 2.31 0.69 -6.79
C ILE A 192 1.43 1.46 -5.80
N ASP A 193 1.05 0.85 -4.68
CA ASP A 193 0.19 1.53 -3.72
C ASP A 193 0.68 2.92 -3.35
N PHE A 194 -0.25 3.84 -3.16
CA PHE A 194 0.09 5.21 -2.83
C PHE A 194 1.18 5.34 -1.76
N GLY A 195 2.09 6.28 -1.99
CA GLY A 195 3.19 6.52 -1.06
C GLY A 195 4.10 5.33 -0.87
N GLY A 196 4.02 4.36 -1.77
CA GLY A 196 4.85 3.18 -1.64
C GLY A 196 4.53 2.48 -0.33
N THR A 197 3.26 2.44 0.03
CA THR A 197 2.85 1.80 1.27
C THR A 197 2.84 0.28 1.17
N SER A 198 3.02 -0.37 2.31
CA SER A 198 2.95 -1.81 2.38
C SER A 198 1.46 -2.00 2.56
N VAL A 199 0.98 -3.22 2.39
CA VAL A 199 -0.44 -3.44 2.53
C VAL A 199 -0.71 -4.84 3.05
N TRP A 200 -1.75 -4.97 3.87
CA TRP A 200 -2.15 -6.29 4.36
C TRP A 200 -3.47 -6.53 3.63
N TYR A 201 -3.72 -7.78 3.22
CA TYR A 201 -4.92 -8.10 2.45
C TYR A 201 -5.48 -9.47 2.85
N HIS A 202 -6.73 -9.50 3.31
CA HIS A 202 -7.37 -10.74 3.75
C HIS A 202 -8.66 -11.01 3.00
N VAL A 203 -8.79 -12.20 2.43
CA VAL A 203 -10.00 -12.57 1.69
C VAL A 203 -11.02 -13.19 2.63
N LEU A 204 -12.24 -12.66 2.67
CA LEU A 204 -13.26 -13.23 3.56
C LEU A 204 -13.88 -14.44 2.87
N TRP A 205 -14.30 -14.26 1.62
CA TRP A 205 -14.87 -15.31 0.79
C TRP A 205 -14.61 -14.95 -0.67
N GLY A 206 -14.46 -15.96 -1.51
CA GLY A 206 -14.18 -15.70 -2.91
C GLY A 206 -12.70 -15.89 -3.11
N GLU A 207 -12.17 -15.37 -4.21
CA GLU A 207 -10.75 -15.53 -4.48
C GLU A 207 -10.17 -14.35 -5.27
N LYS A 208 -8.94 -13.99 -4.97
CA LYS A 208 -8.25 -12.90 -5.65
C LYS A 208 -6.92 -13.45 -6.14
N ILE A 209 -6.50 -13.06 -7.33
CA ILE A 209 -5.22 -13.54 -7.86
C ILE A 209 -4.29 -12.36 -8.10
N PHE A 210 -3.22 -12.28 -7.32
CA PHE A 210 -2.25 -11.21 -7.46
C PHE A 210 -1.16 -11.52 -8.47
N TYR A 211 -0.70 -10.48 -9.16
CA TYR A 211 0.37 -10.59 -10.15
C TYR A 211 1.46 -9.66 -9.63
N LEU A 212 2.49 -10.25 -9.04
CA LEU A 212 3.58 -9.52 -8.41
C LEU A 212 4.86 -9.32 -9.21
N ILE A 213 5.43 -8.13 -9.09
CA ILE A 213 6.66 -7.78 -9.78
C ILE A 213 7.62 -7.05 -8.83
N LYS A 214 8.82 -7.61 -8.67
CA LYS A 214 9.83 -7.05 -7.79
C LYS A 214 10.29 -5.63 -8.14
N PRO A 215 10.29 -4.73 -7.15
CA PRO A 215 10.71 -3.36 -7.40
C PRO A 215 12.20 -3.14 -7.63
N THR A 216 12.76 -3.80 -8.63
CA THR A 216 14.18 -3.64 -8.97
C THR A 216 14.36 -2.31 -9.69
N ASP A 217 15.58 -1.76 -9.69
CA ASP A 217 15.79 -0.50 -10.37
C ASP A 217 15.29 -0.53 -11.80
N GLU A 218 15.49 -1.66 -12.47
CA GLU A 218 15.05 -1.85 -13.85
C GLU A 218 13.51 -1.88 -13.97
N ASN A 219 12.87 -2.62 -13.08
CA ASN A 219 11.42 -2.72 -13.12
C ASN A 219 10.74 -1.38 -12.78
N LEU A 220 11.28 -0.65 -11.82
CA LEU A 220 10.69 0.63 -11.48
C LEU A 220 10.76 1.54 -12.70
N ALA A 221 11.92 1.57 -13.35
CA ALA A 221 12.11 2.42 -14.53
C ALA A 221 11.06 2.14 -15.60
N ARG A 222 10.93 0.86 -15.95
CA ARG A 222 9.99 0.44 -16.97
C ARG A 222 8.56 0.76 -16.56
N TYR A 223 8.25 0.56 -15.29
CA TYR A 223 6.93 0.83 -14.78
C TYR A 223 6.56 2.29 -15.00
N GLU A 224 7.45 3.20 -14.59
CA GLU A 224 7.20 4.62 -14.76
C GLU A 224 7.07 4.97 -16.24
N SER A 225 7.82 4.28 -17.09
CA SER A 225 7.75 4.54 -18.51
C SER A 225 6.43 4.02 -19.07
N TRP A 226 6.02 2.84 -18.61
CA TRP A 226 4.77 2.22 -19.05
C TRP A 226 3.58 3.06 -18.58
N SER A 227 3.73 3.67 -17.41
CA SER A 227 2.70 4.51 -16.80
C SER A 227 2.49 5.83 -17.55
N SER A 228 3.51 6.26 -18.28
CA SER A 228 3.44 7.51 -19.01
C SER A 228 3.45 7.33 -20.52
N SER A 229 3.05 6.15 -20.97
CA SER A 229 2.98 5.86 -22.39
C SER A 229 1.50 5.75 -22.71
N VAL A 230 1.11 6.23 -23.89
CA VAL A 230 -0.29 6.21 -24.30
C VAL A 230 -0.86 4.78 -24.49
N THR A 231 0.01 3.86 -24.88
CA THR A 231 -0.38 2.47 -25.11
C THR A 231 -0.54 1.61 -23.85
N GLN A 232 -0.36 2.23 -22.68
CA GLN A 232 -0.48 1.55 -21.40
C GLN A 232 -1.64 0.54 -21.28
N SER A 233 -2.81 0.92 -21.75
CA SER A 233 -4.00 0.08 -21.67
C SER A 233 -4.01 -1.13 -22.60
N GLU A 234 -3.14 -1.12 -23.61
CA GLU A 234 -3.07 -2.22 -24.57
C GLU A 234 -1.81 -3.08 -24.40
N VAL A 235 -0.99 -2.71 -23.42
CA VAL A 235 0.24 -3.42 -23.13
C VAL A 235 0.21 -4.01 -21.72
N PHE A 236 0.32 -5.33 -21.64
CA PHE A 236 0.33 -6.01 -20.35
C PHE A 236 1.73 -5.78 -19.78
N PHE A 237 1.83 -5.04 -18.69
CA PHE A 237 3.12 -4.73 -18.09
C PHE A 237 3.91 -5.97 -17.64
N GLY A 238 3.19 -7.07 -17.43
CA GLY A 238 3.85 -8.29 -17.00
C GLY A 238 4.90 -8.77 -17.99
N ASP A 239 4.67 -8.50 -19.27
CA ASP A 239 5.56 -8.91 -20.36
C ASP A 239 6.84 -8.09 -20.41
N LYS A 240 6.80 -6.90 -19.83
CA LYS A 240 7.94 -5.99 -19.86
C LYS A 240 9.02 -6.27 -18.83
N VAL A 241 8.79 -7.26 -17.97
CA VAL A 241 9.76 -7.60 -16.95
C VAL A 241 10.15 -9.06 -17.02
N ASP A 242 11.24 -9.41 -16.35
CA ASP A 242 11.73 -10.78 -16.35
C ASP A 242 10.77 -11.74 -15.65
N LYS A 243 10.25 -11.35 -14.50
CA LYS A 243 9.34 -12.23 -13.76
C LYS A 243 8.10 -11.57 -13.15
N CYS A 244 6.94 -12.11 -13.52
CA CYS A 244 5.66 -11.62 -13.01
C CYS A 244 5.06 -12.84 -12.31
N TYR A 245 5.13 -12.82 -10.98
CA TYR A 245 4.64 -13.93 -10.15
C TYR A 245 3.15 -13.96 -9.90
N LYS A 246 2.55 -15.13 -10.02
CA LYS A 246 1.13 -15.29 -9.79
C LYS A 246 0.92 -15.80 -8.36
N CYS A 247 0.15 -15.04 -7.58
CA CYS A 247 -0.13 -15.40 -6.20
C CYS A 247 -1.63 -15.51 -5.98
N VAL A 248 -2.12 -16.73 -5.83
CA VAL A 248 -3.54 -16.94 -5.61
C VAL A 248 -3.88 -16.77 -4.13
N VAL A 249 -4.79 -15.85 -3.83
CA VAL A 249 -5.17 -15.63 -2.44
C VAL A 249 -6.55 -16.23 -2.23
N LYS A 250 -6.60 -17.37 -1.54
CA LYS A 250 -7.87 -18.05 -1.28
C LYS A 250 -8.49 -17.55 0.03
N GLN A 251 -9.74 -17.92 0.24
CA GLN A 251 -10.48 -17.53 1.43
C GLN A 251 -9.75 -17.87 2.74
N GLY A 252 -9.78 -16.95 3.69
CA GLY A 252 -9.13 -17.17 4.97
C GLY A 252 -7.65 -16.87 4.99
N HIS A 253 -7.07 -16.58 3.83
CA HIS A 253 -5.64 -16.30 3.77
C HIS A 253 -5.35 -14.80 3.89
N THR A 254 -4.15 -14.48 4.38
CA THR A 254 -3.73 -13.09 4.53
C THR A 254 -2.42 -12.85 3.80
N LEU A 255 -2.43 -11.90 2.87
CA LEU A 255 -1.23 -11.57 2.11
C LEU A 255 -0.70 -10.23 2.55
N PHE A 256 0.62 -10.13 2.69
CA PHE A 256 1.27 -8.89 3.08
C PHE A 256 2.26 -8.52 1.97
N VAL A 257 2.01 -7.42 1.29
CA VAL A 257 2.88 -6.96 0.23
C VAL A 257 3.74 -5.81 0.73
N PRO A 258 5.07 -5.91 0.56
CA PRO A 258 6.01 -4.87 1.01
C PRO A 258 6.20 -3.68 0.06
N THR A 259 6.91 -2.67 0.56
CA THR A 259 7.21 -1.43 -0.17
C THR A 259 7.63 -1.53 -1.63
N GLY A 260 6.99 -0.72 -2.48
CA GLY A 260 7.31 -0.66 -3.89
C GLY A 260 6.91 -1.77 -4.83
N TRP A 261 6.34 -2.85 -4.33
CA TRP A 261 5.96 -3.94 -5.22
C TRP A 261 4.87 -3.61 -6.23
N ILE A 262 5.20 -3.84 -7.50
CA ILE A 262 4.28 -3.59 -8.59
C ILE A 262 3.36 -4.80 -8.70
N HIS A 263 2.06 -4.56 -8.69
CA HIS A 263 1.09 -5.66 -8.77
C HIS A 263 -0.21 -5.32 -9.47
N ALA A 264 -0.88 -6.37 -9.94
CA ALA A 264 -2.17 -6.27 -10.62
C ALA A 264 -3.02 -7.31 -9.94
N VAL A 265 -4.33 -7.16 -9.98
CA VAL A 265 -5.18 -8.14 -9.31
C VAL A 265 -6.39 -8.53 -10.13
N LEU A 266 -6.75 -9.80 -10.07
CA LEU A 266 -7.90 -10.33 -10.79
C LEU A 266 -8.85 -10.99 -9.83
N THR A 267 -10.07 -10.50 -9.75
CA THR A 267 -11.06 -11.11 -8.88
C THR A 267 -11.51 -12.33 -9.67
N SER A 268 -10.95 -13.49 -9.34
CA SER A 268 -11.26 -14.72 -10.04
C SER A 268 -12.68 -15.19 -9.79
N GLN A 269 -13.29 -14.72 -8.71
CA GLN A 269 -14.67 -15.07 -8.37
C GLN A 269 -15.23 -14.06 -7.38
N ASP A 270 -16.56 -13.89 -7.38
CA ASP A 270 -17.20 -12.93 -6.48
C ASP A 270 -16.47 -12.92 -5.16
N CYS A 271 -15.97 -11.76 -4.78
CA CYS A 271 -15.17 -11.69 -3.59
C CYS A 271 -15.34 -10.47 -2.67
N MET A 272 -15.15 -10.73 -1.38
CA MET A 272 -15.15 -9.68 -0.38
C MET A 272 -13.85 -9.88 0.37
N ALA A 273 -13.09 -8.80 0.52
CA ALA A 273 -11.83 -8.88 1.22
C ALA A 273 -11.62 -7.63 2.06
N PHE A 274 -10.60 -7.66 2.92
CA PHE A 274 -10.28 -6.51 3.74
C PHE A 274 -8.78 -6.23 3.67
N GLY A 275 -8.41 -4.96 3.79
CA GLY A 275 -7.01 -4.63 3.73
C GLY A 275 -6.71 -3.25 4.26
N GLY A 276 -5.44 -2.90 4.31
CA GLY A 276 -5.02 -1.60 4.80
C GLY A 276 -3.60 -1.30 4.37
N ASN A 277 -3.27 -0.02 4.29
CA ASN A 277 -1.93 0.37 3.88
C ASN A 277 -1.18 0.97 5.07
N PHE A 278 0.15 0.93 5.01
CA PHE A 278 0.95 1.49 6.08
C PHE A 278 2.41 1.70 5.71
N LEU A 279 2.98 2.75 6.26
CA LEU A 279 4.37 3.11 6.03
C LEU A 279 5.14 2.59 7.24
N HIS A 280 6.46 2.44 7.10
CA HIS A 280 7.29 1.97 8.20
C HIS A 280 8.76 2.29 7.99
N ASN A 281 9.56 2.04 9.02
CA ASN A 281 10.99 2.34 8.98
C ASN A 281 11.89 1.36 8.23
N LEU A 282 11.38 0.18 7.87
CA LEU A 282 12.22 -0.81 7.20
C LEU A 282 12.72 -0.43 5.82
N ASN A 283 11.85 0.14 4.99
CA ASN A 283 12.24 0.53 3.63
C ASN A 283 11.81 1.96 3.36
N ILE A 284 12.43 2.92 4.06
CA ILE A 284 12.11 4.33 3.88
C ILE A 284 12.60 4.80 2.49
N GLY A 285 13.81 4.42 2.13
CA GLY A 285 14.35 4.79 0.84
C GLY A 285 13.35 4.51 -0.27
N MET A 286 12.92 3.24 -0.34
CA MET A 286 11.96 2.82 -1.34
C MET A 286 10.66 3.62 -1.25
N GLN A 287 10.18 3.87 -0.04
CA GLN A 287 8.95 4.63 0.16
C GLN A 287 9.09 6.03 -0.42
N LEU A 288 10.20 6.69 -0.13
CA LEU A 288 10.43 8.03 -0.68
C LEU A 288 10.54 7.98 -2.21
N ARG A 289 11.22 6.96 -2.74
CA ARG A 289 11.38 6.80 -4.19
C ARG A 289 10.03 6.73 -4.89
N CYS A 290 9.12 5.93 -4.33
CA CYS A 290 7.79 5.76 -4.89
C CYS A 290 6.99 7.05 -4.81
N TYR A 291 7.14 7.77 -3.70
CA TYR A 291 6.43 9.03 -3.54
C TYR A 291 6.85 10.00 -4.62
N GLU A 292 8.15 10.13 -4.84
CA GLU A 292 8.68 11.05 -5.85
C GLU A 292 8.20 10.66 -7.24
N MET A 293 8.03 9.37 -7.45
CA MET A 293 7.58 8.90 -8.75
C MET A 293 6.11 9.25 -8.93
N GLU A 294 5.33 9.09 -7.88
CA GLU A 294 3.91 9.40 -7.93
C GLU A 294 3.70 10.88 -8.22
N LYS A 295 4.65 11.71 -7.82
CA LYS A 295 4.55 13.13 -8.08
C LYS A 295 4.86 13.36 -9.56
N ARG A 296 5.91 12.71 -10.06
CA ARG A 296 6.31 12.84 -11.47
C ARG A 296 5.22 12.37 -12.45
N LEU A 297 4.35 11.48 -11.99
CA LEU A 297 3.28 10.96 -12.81
C LEU A 297 1.94 11.62 -12.52
N LYS A 298 1.86 12.35 -11.40
CA LYS A 298 0.62 13.00 -10.99
C LYS A 298 -0.44 11.93 -10.73
N THR A 299 -0.25 11.16 -9.67
CA THR A 299 -1.16 10.08 -9.31
C THR A 299 -2.35 10.48 -8.44
N PRO A 300 -3.57 10.16 -8.90
CA PRO A 300 -4.81 10.48 -8.19
C PRO A 300 -4.94 9.74 -6.85
N ASP A 301 -4.20 8.63 -6.73
CA ASP A 301 -4.20 7.81 -5.51
C ASP A 301 -3.38 8.43 -4.41
N LEU A 302 -2.40 9.25 -4.80
CA LEU A 302 -1.54 9.93 -3.84
C LEU A 302 -2.31 10.99 -3.05
N PHE A 303 -3.63 10.96 -3.15
CA PHE A 303 -4.46 11.91 -2.43
C PHE A 303 -5.08 11.25 -1.21
N LYS A 304 -4.73 9.97 -0.99
CA LYS A 304 -5.21 9.20 0.15
C LYS A 304 -4.21 9.44 1.27
N PHE A 305 -2.96 9.73 0.89
CA PHE A 305 -1.92 10.04 1.86
C PHE A 305 -1.46 11.42 1.46
N PRO A 306 -2.36 12.43 1.60
CA PRO A 306 -2.11 13.83 1.25
C PRO A 306 -1.06 14.52 2.11
N PHE A 307 -0.82 13.97 3.30
CA PHE A 307 0.15 14.54 4.22
C PHE A 307 1.30 13.58 4.43
N PHE A 308 1.76 13.00 3.34
CA PHE A 308 2.89 12.06 3.34
C PHE A 308 4.11 12.82 3.82
N GLU A 309 4.26 14.04 3.33
CA GLU A 309 5.41 14.82 3.72
C GLU A 309 5.37 15.17 5.21
N ALA A 310 4.17 15.43 5.73
CA ALA A 310 3.99 15.74 7.13
C ALA A 310 4.47 14.58 8.01
N ILE A 311 3.93 13.38 7.78
CA ILE A 311 4.34 12.24 8.59
C ILE A 311 5.85 12.00 8.48
N CYS A 312 6.41 12.33 7.31
CA CYS A 312 7.84 12.19 7.06
C CYS A 312 8.65 13.09 7.99
N TRP A 313 8.12 14.28 8.27
CA TRP A 313 8.80 15.21 9.16
C TRP A 313 8.74 14.66 10.59
N PHE A 314 7.60 14.05 10.94
CA PHE A 314 7.41 13.47 12.27
C PHE A 314 8.36 12.31 12.50
N VAL A 315 8.49 11.47 11.47
CA VAL A 315 9.36 10.32 11.50
C VAL A 315 10.83 10.74 11.63
N ALA A 316 11.18 11.82 10.92
CA ALA A 316 12.54 12.34 10.96
C ALA A 316 12.94 12.77 12.36
N LYS A 317 11.99 13.32 13.09
CA LYS A 317 12.24 13.79 14.45
C LYS A 317 12.42 12.59 15.39
N ASN A 318 11.61 11.56 15.23
CA ASN A 318 11.74 10.39 16.08
C ASN A 318 13.03 9.66 15.73
N LEU A 319 13.26 9.41 14.45
CA LEU A 319 14.47 8.72 14.04
C LEU A 319 15.74 9.49 14.47
N LEU A 320 15.66 10.81 14.56
CA LEU A 320 16.82 11.58 15.00
C LEU A 320 17.10 11.29 16.48
N GLU A 321 16.05 11.27 17.28
CA GLU A 321 16.18 11.00 18.71
C GLU A 321 16.88 9.67 18.95
N THR A 322 16.43 8.63 18.25
CA THR A 322 17.02 7.29 18.40
C THR A 322 18.50 7.29 18.05
N LEU A 323 18.85 7.91 16.93
CA LEU A 323 20.25 7.96 16.52
C LEU A 323 21.09 8.71 17.56
N LYS A 324 20.56 9.81 18.10
CA LYS A 324 21.29 10.56 19.11
C LYS A 324 21.59 9.66 20.31
N GLU A 325 20.57 8.92 20.73
CA GLU A 325 20.71 8.01 21.86
C GLU A 325 21.78 6.95 21.68
N LEU A 326 21.83 6.35 20.50
CA LEU A 326 22.81 5.31 20.26
C LEU A 326 24.23 5.88 20.15
N ARG A 327 24.35 7.04 19.51
CA ARG A 327 25.66 7.65 19.35
C ARG A 327 26.26 8.09 20.68
N GLU A 328 25.46 8.77 21.51
CA GLU A 328 25.94 9.26 22.79
C GLU A 328 26.30 8.15 23.79
N ASP A 329 26.02 6.91 23.41
CA ASP A 329 26.31 5.77 24.27
C ASP A 329 27.24 4.78 23.56
N GLY A 330 27.86 5.25 22.48
CA GLY A 330 28.78 4.42 21.70
C GLY A 330 28.23 3.26 20.89
N PHE A 331 26.93 3.24 20.61
CA PHE A 331 26.37 2.14 19.83
C PHE A 331 26.24 2.45 18.32
N GLN A 332 26.20 1.38 17.53
CA GLN A 332 26.07 1.50 16.08
C GLN A 332 24.64 1.11 15.69
N PRO A 333 23.96 1.96 14.92
CA PRO A 333 22.59 1.67 14.50
C PRO A 333 22.58 0.59 13.42
N GLN A 334 21.49 -0.15 13.31
CA GLN A 334 21.39 -1.17 12.29
C GLN A 334 21.57 -0.51 10.93
N THR A 335 22.09 -1.24 9.96
CA THR A 335 22.31 -0.68 8.63
C THR A 335 21.08 -0.02 8.01
N TYR A 336 19.94 -0.69 8.09
CA TYR A 336 18.73 -0.16 7.49
C TYR A 336 18.27 1.18 8.08
N LEU A 337 18.51 1.38 9.37
CA LEU A 337 18.10 2.63 10.01
C LEU A 337 18.92 3.81 9.51
N VAL A 338 20.22 3.57 9.29
CA VAL A 338 21.11 4.61 8.80
C VAL A 338 20.74 4.92 7.34
N GLN A 339 20.46 3.86 6.59
CA GLN A 339 20.07 3.99 5.18
C GLN A 339 18.79 4.82 5.07
N GLY A 340 17.79 4.43 5.85
CA GLY A 340 16.52 5.13 5.86
C GLY A 340 16.63 6.58 6.28
N VAL A 341 17.47 6.87 7.25
CA VAL A 341 17.62 8.25 7.70
C VAL A 341 18.36 9.06 6.66
N LYS A 342 19.39 8.45 6.09
CA LYS A 342 20.19 9.12 5.08
C LYS A 342 19.30 9.53 3.91
N ALA A 343 18.40 8.63 3.53
CA ALA A 343 17.48 8.87 2.43
C ALA A 343 16.43 9.92 2.78
N LEU A 344 15.96 9.89 4.02
CA LEU A 344 14.95 10.81 4.50
C LEU A 344 15.51 12.23 4.58
N HIS A 345 16.81 12.30 4.81
CA HIS A 345 17.54 13.57 4.90
C HIS A 345 17.56 14.21 3.52
N THR A 346 17.87 13.40 2.52
CA THR A 346 17.93 13.85 1.13
C THR A 346 16.57 14.39 0.70
N ALA A 347 15.51 13.70 1.08
CA ALA A 347 14.17 14.11 0.69
C ALA A 347 13.80 15.44 1.34
N LEU A 348 14.04 15.56 2.64
CA LEU A 348 13.72 16.78 3.35
C LEU A 348 14.49 17.96 2.80
N LYS A 349 15.76 17.74 2.50
CA LYS A 349 16.62 18.79 1.98
C LYS A 349 16.11 19.23 0.59
N LEU A 350 15.62 18.27 -0.18
CA LEU A 350 15.10 18.56 -1.52
C LEU A 350 13.86 19.46 -1.41
N TRP A 351 12.91 19.05 -0.60
CA TRP A 351 11.67 19.80 -0.41
C TRP A 351 11.92 21.20 0.15
N MET A 352 13.09 21.39 0.76
CA MET A 352 13.43 22.69 1.33
C MET A 352 14.14 23.65 0.37
N LYS A 353 14.55 23.13 -0.79
CA LYS A 353 15.20 23.93 -1.82
C LYS A 353 14.39 25.20 -2.09
N LYS A 354 15.07 26.33 -2.22
CA LYS A 354 14.40 27.60 -2.48
C LYS A 354 13.47 27.52 -3.69
N GLU A 355 13.93 26.86 -4.75
CA GLU A 355 13.17 26.71 -5.99
C GLU A 355 12.02 25.70 -5.91
N LEU A 356 11.86 25.06 -4.76
CA LEU A 356 10.80 24.06 -4.61
C LEU A 356 9.98 24.21 -3.33
N VAL A 357 10.60 24.78 -2.29
CA VAL A 357 9.94 24.93 -1.00
C VAL A 357 8.54 25.55 -1.05
N SER A 358 8.25 26.34 -2.07
CA SER A 358 6.94 26.98 -2.18
C SER A 358 5.78 26.01 -2.16
N GLU A 359 6.02 24.78 -2.61
CA GLU A 359 4.98 23.77 -2.67
C GLU A 359 5.04 22.76 -1.53
N HIS A 360 6.08 22.81 -0.72
CA HIS A 360 6.25 21.89 0.40
C HIS A 360 6.02 22.53 1.76
N ALA A 361 6.21 23.85 1.82
CA ALA A 361 6.06 24.61 3.05
C ALA A 361 4.86 24.27 3.92
N PHE A 362 3.66 24.21 3.32
CA PHE A 362 2.46 23.93 4.11
C PHE A 362 2.44 22.56 4.78
N GLU A 363 3.22 21.63 4.25
CA GLU A 363 3.25 20.29 4.81
C GLU A 363 4.14 20.16 6.03
N ILE A 364 4.97 21.16 6.29
CA ILE A 364 5.86 21.12 7.46
C ILE A 364 5.08 21.33 8.77
N PRO A 365 5.18 20.36 9.70
CA PRO A 365 4.49 20.41 10.99
C PRO A 365 4.78 21.67 11.79
N ASP A 366 3.78 22.13 12.56
CA ASP A 366 3.94 23.33 13.37
C ASP A 366 5.01 23.18 14.44
N ASN A 367 5.12 21.99 15.03
CA ASN A 367 6.10 21.72 16.06
C ASN A 367 7.52 21.38 15.61
N VAL A 368 7.82 21.55 14.32
CA VAL A 368 9.18 21.22 13.88
C VAL A 368 9.90 22.39 13.25
N ARG A 369 11.22 22.40 13.43
CA ARG A 369 12.07 23.44 12.87
C ARG A 369 12.75 22.75 11.70
N PRO A 370 12.21 22.93 10.49
CA PRO A 370 12.76 22.31 9.27
C PRO A 370 14.26 22.43 9.05
N GLY A 371 14.75 23.67 8.99
CA GLY A 371 16.16 23.89 8.74
C GLY A 371 17.09 23.30 9.78
N HIS A 372 16.66 23.36 11.03
CA HIS A 372 17.45 22.83 12.14
C HIS A 372 17.46 21.30 12.13
N LEU A 373 16.28 20.70 11.97
CA LEU A 373 16.15 19.24 11.94
C LEU A 373 17.06 18.64 10.88
N ILE A 374 17.06 19.25 9.70
CA ILE A 374 17.89 18.79 8.60
C ILE A 374 19.36 18.89 8.97
N LYS A 375 19.73 19.93 9.70
CA LYS A 375 21.11 20.10 10.11
C LYS A 375 21.53 19.00 11.10
N GLU A 376 20.75 18.83 12.15
CA GLU A 376 21.03 17.82 13.17
C GLU A 376 21.14 16.44 12.52
N LEU A 377 20.37 16.26 11.45
CA LEU A 377 20.34 15.02 10.71
C LEU A 377 21.67 14.86 9.96
N SER A 378 22.14 15.95 9.37
CA SER A 378 23.39 15.93 8.61
C SER A 378 24.58 15.54 9.47
N LYS A 379 24.72 16.16 10.64
CA LYS A 379 25.85 15.83 11.51
C LYS A 379 25.73 14.45 12.14
N VAL A 380 24.53 14.03 12.50
CA VAL A 380 24.37 12.71 13.08
C VAL A 380 24.70 11.64 12.04
N ILE A 381 24.42 11.92 10.78
CA ILE A 381 24.71 10.98 9.70
C ILE A 381 26.19 11.04 9.36
N ARG A 382 26.72 12.26 9.26
CA ARG A 382 28.13 12.45 8.95
C ARG A 382 28.96 11.75 10.04
N ALA A 383 28.57 11.96 11.29
CA ALA A 383 29.26 11.36 12.43
C ALA A 383 29.31 9.84 12.24
N ILE A 384 28.16 9.24 11.97
CA ILE A 384 28.09 7.80 11.76
C ILE A 384 28.96 7.38 10.58
N GLU A 385 29.09 8.26 9.60
CA GLU A 385 29.90 7.97 8.43
C GLU A 385 31.39 8.00 8.80
N GLU A 386 31.77 8.98 9.61
CA GLU A 386 33.16 9.14 10.05
C GLU A 386 33.59 8.09 11.08
N GLU A 387 32.89 8.02 12.20
CA GLU A 387 33.20 7.07 13.25
C GLU A 387 32.85 5.65 12.82
N ASN A 388 33.02 5.39 11.52
CA ASN A 388 32.71 4.09 10.93
C ASN A 388 33.45 3.97 9.59
#